data_3NGX
#
_entry.id   3NGX
#
_cell.length_a   66.415
_cell.length_b   52.920
_cell.length_c   86.034
_cell.angle_alpha   90.00
_cell.angle_beta   97.77
_cell.angle_gamma   90.00
#
_symmetry.space_group_name_H-M   'P 1 21 1'
#
loop_
_entity.id
_entity.type
_entity.pdbx_description
1 polymer 'Bifunctional protein folD'
2 water water
#
_entity_poly.entity_id   1
_entity_poly.type   'polypeptide(L)'
_entity_poly.pdbx_seq_one_letter_code
;MKILRGEEIAEKKAENLHGIIERSGLEPSLKLIQIGDNEAASIYARAKIRRGKKIGIAVDLEKYDDISMKDLLKRIDDLA
KDPQINGIMIENPLPKGFDYYEIVRNIPYYKDVDALSPYNQGLIALNREFLVPATPRAVIDIMDYYGYHENTVTIVNRSP
VVGRPLSMMLLNRNYTVSVCHSKTKDIGSMTRSSKIVVVAVGRPGFLNREMVTPGSVVIDVGINYVNDKVVGDANFEDLS
EYVEAITPVPGGVGPITATNILENVVKAAEFQKNNL
;
_entity_poly.pdbx_strand_id   A,B
#
# COMPACT_ATOMS: atom_id res chain seq x y z
N LYS A 2 3.63 -10.65 -29.17
CA LYS A 2 5.05 -10.64 -28.75
C LYS A 2 5.66 -9.23 -28.71
N ILE A 3 5.25 -8.29 -29.56
CA ILE A 3 5.70 -6.92 -29.30
C ILE A 3 4.60 -6.14 -28.61
N LEU A 4 4.80 -5.80 -27.34
CA LEU A 4 3.67 -5.26 -26.55
C LEU A 4 3.57 -3.77 -26.68
N ARG A 5 2.85 -3.33 -27.70
CA ARG A 5 2.72 -1.90 -28.03
C ARG A 5 1.61 -1.24 -27.26
N GLY A 6 1.77 0.04 -27.03
CA GLY A 6 0.83 0.77 -26.23
C GLY A 6 -0.13 1.73 -26.91
N GLU A 7 0.14 2.16 -28.16
CA GLU A 7 -0.52 3.33 -28.72
C GLU A 7 -1.95 2.99 -29.05
N GLU A 8 -2.16 1.75 -29.47
CA GLU A 8 -3.47 1.25 -29.88
C GLU A 8 -4.37 1.08 -28.65
N ILE A 9 -3.72 0.74 -27.53
CA ILE A 9 -4.39 0.68 -26.24
C ILE A 9 -4.78 2.08 -25.81
N ALA A 10 -3.90 3.07 -25.95
CA ALA A 10 -4.22 4.47 -25.64
C ALA A 10 -5.40 4.98 -26.50
N GLU A 11 -5.44 4.58 -27.78
CA GLU A 11 -6.48 5.04 -28.71
C GLU A 11 -7.82 4.48 -28.28
N LYS A 12 -7.88 3.20 -27.89
CA LYS A 12 -9.12 2.61 -27.39
C LYS A 12 -9.63 3.24 -26.10
N LYS A 13 -8.72 3.45 -25.16
CA LYS A 13 -9.03 4.12 -23.93
C LYS A 13 -9.53 5.55 -24.21
N ALA A 14 -8.95 6.22 -25.15
CA ALA A 14 -9.33 7.59 -25.36
C ALA A 14 -10.72 7.70 -26.02
N GLU A 15 -11.02 6.78 -26.95
CA GLU A 15 -12.37 6.61 -27.54
C GLU A 15 -13.40 6.36 -26.45
N ASN A 16 -13.13 5.47 -25.51
CA ASN A 16 -14.26 5.25 -24.62
C ASN A 16 -14.40 6.30 -23.50
N LEU A 17 -13.32 7.03 -23.24
CA LEU A 17 -13.33 8.17 -22.37
C LEU A 17 -14.23 9.26 -23.00
N HIS A 18 -14.03 9.52 -24.30
CA HIS A 18 -14.82 10.44 -25.09
C HIS A 18 -16.27 10.04 -24.89
N GLY A 19 -16.55 8.79 -25.25
CA GLY A 19 -17.83 8.17 -25.06
C GLY A 19 -18.42 8.41 -23.68
N ILE A 20 -17.64 8.22 -22.61
CA ILE A 20 -18.15 8.39 -21.23
C ILE A 20 -18.51 9.87 -20.91
N ILE A 21 -17.67 10.80 -21.39
CA ILE A 21 -17.93 12.22 -21.26
C ILE A 21 -19.22 12.64 -21.98
N GLU A 22 -19.28 12.42 -23.30
CA GLU A 22 -20.43 12.83 -24.09
C GLU A 22 -21.69 12.26 -23.54
N ARG A 23 -21.61 10.99 -23.13
CA ARG A 23 -22.73 10.27 -22.55
C ARG A 23 -23.22 11.01 -21.33
N SER A 24 -22.46 11.06 -20.23
CA SER A 24 -22.98 11.60 -18.96
C SER A 24 -22.80 13.11 -18.77
N GLY A 25 -22.73 13.85 -19.87
CA GLY A 25 -22.67 15.31 -19.87
C GLY A 25 -21.49 16.06 -19.25
N LEU A 26 -20.51 15.35 -18.66
CA LEU A 26 -19.39 15.99 -17.93
C LEU A 26 -18.64 16.93 -18.82
N GLU A 27 -17.97 17.86 -18.19
CA GLU A 27 -17.06 18.75 -18.89
C GLU A 27 -15.78 18.78 -18.03
N PRO A 28 -14.99 17.67 -18.04
CA PRO A 28 -13.87 17.64 -17.07
C PRO A 28 -12.76 18.66 -17.34
N SER A 29 -12.31 19.27 -16.26
CA SER A 29 -11.23 20.21 -16.28
C SER A 29 -10.04 19.73 -15.50
N LEU A 30 -8.86 19.90 -16.09
CA LEU A 30 -7.63 19.51 -15.45
C LEU A 30 -6.62 20.68 -15.42
N LYS A 31 -6.07 20.99 -14.25
CA LYS A 31 -4.99 21.97 -14.10
C LYS A 31 -3.65 21.30 -13.91
N LEU A 32 -2.65 21.84 -14.57
CA LEU A 32 -1.34 21.25 -14.53
C LEU A 32 -0.47 22.38 -14.02
N ILE A 33 0.33 22.11 -13.01
CA ILE A 33 1.24 23.10 -12.47
C ILE A 33 2.63 22.61 -12.80
N GLN A 34 3.46 23.48 -13.35
CA GLN A 34 4.84 23.16 -13.64
C GLN A 34 5.73 24.27 -13.09
N ILE A 35 6.82 23.85 -12.47
CA ILE A 35 7.79 24.80 -11.92
C ILE A 35 9.13 24.49 -12.55
N GLY A 36 9.74 25.45 -13.24
CA GLY A 36 11.04 25.24 -13.91
C GLY A 36 10.82 24.94 -15.39
N ASP A 37 11.82 24.44 -16.08
CA ASP A 37 11.58 24.25 -17.50
C ASP A 37 12.00 22.87 -17.96
N ASN A 38 12.11 21.94 -17.00
CA ASN A 38 12.41 20.55 -17.34
C ASN A 38 11.67 20.08 -18.58
N GLU A 39 12.41 19.42 -19.45
CA GLU A 39 11.98 19.09 -20.79
C GLU A 39 11.09 17.82 -20.77
N ALA A 40 11.45 16.78 -20.02
CA ALA A 40 10.50 15.66 -19.92
C ALA A 40 9.12 16.15 -19.41
N ALA A 41 9.08 17.01 -18.40
CA ALA A 41 7.78 17.42 -17.82
C ALA A 41 6.91 18.11 -18.86
N SER A 42 7.57 18.87 -19.71
CA SER A 42 6.93 19.71 -20.71
C SER A 42 6.29 18.87 -21.81
N ILE A 43 7.00 17.84 -22.23
CA ILE A 43 6.46 16.96 -23.27
C ILE A 43 5.21 16.24 -22.73
N TYR A 44 5.34 15.78 -21.48
CA TYR A 44 4.28 15.12 -20.73
C TYR A 44 3.10 16.05 -20.56
N ALA A 45 3.33 17.26 -20.12
CA ALA A 45 2.22 18.24 -20.06
C ALA A 45 1.47 18.44 -21.40
N ARG A 46 2.22 18.76 -22.44
CA ARG A 46 1.64 18.99 -23.76
C ARG A 46 0.90 17.74 -24.33
N ALA A 47 1.41 16.55 -24.06
CA ALA A 47 0.69 15.30 -24.42
C ALA A 47 -0.64 15.21 -23.73
N LYS A 48 -0.66 15.53 -22.44
CA LYS A 48 -1.99 15.62 -21.78
C LYS A 48 -2.91 16.74 -22.35
N ILE A 49 -2.35 17.89 -22.69
CA ILE A 49 -3.22 18.86 -23.34
C ILE A 49 -3.75 18.36 -24.70
N ARG A 50 -2.85 17.78 -25.49
CA ARG A 50 -3.19 17.30 -26.83
C ARG A 50 -4.26 16.22 -26.80
N ARG A 51 -4.07 15.14 -26.04
CA ARG A 51 -5.09 14.09 -25.98
C ARG A 51 -6.36 14.56 -25.26
N GLY A 52 -6.20 15.53 -24.33
CA GLY A 52 -7.34 16.13 -23.65
C GLY A 52 -8.26 16.86 -24.61
N LYS A 53 -7.66 17.62 -25.52
CA LYS A 53 -8.43 18.42 -26.48
C LYS A 53 -9.27 17.52 -27.40
N LYS A 54 -8.75 16.34 -27.72
CA LYS A 54 -9.43 15.35 -28.58
C LYS A 54 -10.56 14.56 -27.89
N ILE A 55 -10.33 14.17 -26.62
CA ILE A 55 -11.28 13.43 -25.77
C ILE A 55 -12.44 14.29 -25.31
N GLY A 56 -12.26 15.60 -25.25
CA GLY A 56 -13.25 16.52 -24.64
C GLY A 56 -12.91 16.99 -23.20
N ILE A 57 -11.63 17.16 -22.93
CA ILE A 57 -11.17 17.45 -21.57
C ILE A 57 -10.41 18.69 -21.66
N ALA A 58 -10.83 19.67 -20.89
CA ALA A 58 -10.12 20.94 -20.87
C ALA A 58 -8.89 20.80 -19.96
N VAL A 59 -7.71 20.90 -20.52
CA VAL A 59 -6.51 20.76 -19.75
C VAL A 59 -5.71 22.04 -19.85
N ASP A 60 -5.41 22.64 -18.70
CA ASP A 60 -4.64 23.87 -18.70
C ASP A 60 -3.30 23.78 -17.91
N LEU A 61 -2.21 24.23 -18.54
CA LEU A 61 -0.88 24.30 -17.89
C LEU A 61 -0.59 25.69 -17.30
N GLU A 62 0.01 25.73 -16.12
CA GLU A 62 0.40 26.99 -15.48
C GLU A 62 1.83 26.73 -15.17
N LYS A 63 2.71 27.42 -15.90
CA LYS A 63 4.13 27.37 -15.71
C LYS A 63 4.53 28.53 -14.78
N TYR A 64 5.48 28.28 -13.90
CA TYR A 64 6.02 29.31 -13.03
C TYR A 64 7.51 29.18 -13.07
N ASP A 65 8.20 30.26 -13.46
CA ASP A 65 9.65 30.24 -13.42
C ASP A 65 10.13 30.05 -12.01
N ASP A 66 9.58 30.84 -11.10
CA ASP A 66 9.96 30.82 -9.70
C ASP A 66 8.67 31.05 -8.95
N ILE A 67 8.45 30.26 -7.91
CA ILE A 67 7.32 30.46 -7.01
C ILE A 67 7.72 29.94 -5.66
N SER A 68 7.22 30.60 -4.63
CA SER A 68 7.57 30.26 -3.27
C SER A 68 6.69 29.11 -2.82
N MET A 69 7.08 28.43 -1.75
CA MET A 69 6.21 27.44 -1.17
C MET A 69 4.85 28.04 -0.80
N LYS A 70 4.88 29.14 -0.05
CA LYS A 70 3.65 29.81 0.44
C LYS A 70 2.68 30.19 -0.68
N ASP A 71 3.19 30.80 -1.76
CA ASP A 71 2.40 31.08 -2.95
C ASP A 71 1.82 29.82 -3.60
N LEU A 72 2.65 28.78 -3.67
CA LEU A 72 2.26 27.62 -4.44
C LEU A 72 1.15 26.89 -3.71
N LEU A 73 1.31 26.80 -2.39
CA LEU A 73 0.28 26.23 -1.53
C LEU A 73 -1.03 27.00 -1.59
N LYS A 74 -0.92 28.33 -1.68
CA LYS A 74 -2.08 29.18 -1.82
C LYS A 74 -2.74 28.95 -3.18
N ARG A 75 -1.96 28.92 -4.27
CA ARG A 75 -2.52 28.60 -5.56
C ARG A 75 -3.29 27.28 -5.52
N ILE A 76 -2.71 26.25 -4.90
CA ILE A 76 -3.28 24.89 -4.92
C ILE A 76 -4.60 24.90 -4.12
N ASP A 77 -4.53 25.48 -2.94
CA ASP A 77 -5.72 25.73 -2.15
C ASP A 77 -6.83 26.43 -2.93
N ASP A 78 -6.50 27.41 -3.77
CA ASP A 78 -7.55 28.07 -4.58
C ASP A 78 -8.18 27.16 -5.65
N LEU A 79 -7.34 26.39 -6.35
CA LEU A 79 -7.79 25.37 -7.31
C LEU A 79 -8.59 24.28 -6.61
N ALA A 80 -8.14 23.90 -5.41
CA ALA A 80 -8.86 22.93 -4.59
C ALA A 80 -10.32 23.32 -4.36
N LYS A 81 -10.58 24.62 -4.17
CA LYS A 81 -11.94 25.10 -3.83
C LYS A 81 -12.83 25.42 -5.02
N ASP A 82 -12.24 25.59 -6.18
CA ASP A 82 -12.97 25.86 -7.39
C ASP A 82 -13.69 24.59 -7.94
N PRO A 83 -15.03 24.48 -7.73
CA PRO A 83 -15.82 23.35 -8.29
C PRO A 83 -15.73 23.24 -9.82
N GLN A 84 -15.22 24.27 -10.45
CA GLN A 84 -15.00 24.23 -11.88
C GLN A 84 -13.71 23.42 -12.21
N ILE A 85 -12.83 23.20 -11.23
CA ILE A 85 -11.58 22.43 -11.45
C ILE A 85 -11.69 20.98 -10.97
N ASN A 86 -11.76 20.03 -11.89
CA ASN A 86 -11.91 18.66 -11.41
C ASN A 86 -10.63 17.98 -10.96
N GLY A 87 -9.55 18.20 -11.69
CA GLY A 87 -8.27 17.60 -11.33
C GLY A 87 -7.17 18.62 -11.21
N ILE A 88 -6.24 18.33 -10.32
CA ILE A 88 -5.04 19.13 -10.15
C ILE A 88 -3.81 18.23 -10.09
N MET A 89 -2.78 18.64 -10.83
CA MET A 89 -1.59 17.81 -10.95
C MET A 89 -0.36 18.68 -10.89
N ILE A 90 0.67 18.26 -10.16
CA ILE A 90 1.99 18.94 -10.21
C ILE A 90 2.97 18.06 -11.01
N GLU A 91 3.59 18.65 -12.00
CA GLU A 91 4.55 17.94 -12.82
C GLU A 91 5.85 17.73 -12.05
N ASN A 92 6.55 16.65 -12.38
CA ASN A 92 7.85 16.34 -11.81
C ASN A 92 8.94 16.40 -12.88
N PRO A 93 10.20 16.67 -12.48
CA PRO A 93 10.70 16.92 -11.10
C PRO A 93 10.46 18.36 -10.63
N LEU A 94 10.53 18.57 -9.32
CA LEU A 94 10.41 19.90 -8.68
C LEU A 94 11.82 20.35 -8.25
N PRO A 95 12.03 21.67 -8.08
CA PRO A 95 13.37 22.08 -7.64
C PRO A 95 13.56 21.82 -6.13
N LYS A 96 14.82 21.77 -5.68
CA LYS A 96 15.19 21.35 -4.31
C LYS A 96 14.49 22.16 -3.21
N GLY A 97 14.22 21.54 -2.07
CA GLY A 97 13.41 22.16 -1.02
C GLY A 97 11.90 21.88 -1.04
N PHE A 98 11.35 21.59 -2.24
CA PHE A 98 9.91 21.29 -2.42
C PHE A 98 9.65 19.80 -2.31
N ASP A 99 8.93 19.35 -1.29
CA ASP A 99 8.57 17.94 -1.23
C ASP A 99 7.24 17.72 -1.91
N TYR A 100 7.26 16.91 -2.97
CA TYR A 100 6.07 16.60 -3.71
C TYR A 100 4.94 16.12 -2.81
N TYR A 101 5.25 15.14 -1.94
CA TYR A 101 4.25 14.46 -1.06
C TYR A 101 3.66 15.39 -0.02
N GLU A 102 4.41 16.45 0.31
CA GLU A 102 3.93 17.51 1.20
C GLU A 102 2.88 18.35 0.52
N ILE A 103 3.14 18.67 -0.76
CA ILE A 103 2.25 19.57 -1.49
C ILE A 103 0.98 18.82 -1.83
N VAL A 104 1.17 17.65 -2.36
CA VAL A 104 0.11 16.85 -2.91
C VAL A 104 -1.07 16.48 -1.94
N ARG A 105 -0.78 16.27 -0.64
CA ARG A 105 -1.83 16.00 0.37
C ARG A 105 -2.78 17.20 0.66
N ASN A 106 -2.46 18.36 0.11
CA ASN A 106 -3.33 19.54 0.15
C ASN A 106 -4.35 19.63 -1.01
N ILE A 107 -4.22 18.69 -1.95
CA ILE A 107 -5.14 18.52 -3.07
C ILE A 107 -6.15 17.49 -2.60
N PRO A 108 -7.45 17.83 -2.62
CA PRO A 108 -8.43 16.80 -2.24
C PRO A 108 -8.24 15.52 -3.01
N TYR A 109 -8.33 14.40 -2.30
CA TYR A 109 -8.05 13.11 -2.91
C TYR A 109 -8.89 12.89 -4.17
N TYR A 110 -10.09 13.47 -4.17
CA TYR A 110 -10.97 13.35 -5.34
C TYR A 110 -10.60 14.32 -6.44
N LYS A 111 -9.60 15.19 -6.24
CA LYS A 111 -8.97 15.91 -7.36
C LYS A 111 -7.56 15.45 -7.76
N ASP A 112 -7.03 14.46 -7.05
CA ASP A 112 -5.59 14.16 -7.10
C ASP A 112 -5.26 13.19 -8.27
N VAL A 113 -5.14 13.69 -9.49
CA VAL A 113 -5.18 12.77 -10.65
C VAL A 113 -3.91 11.96 -10.83
N ASP A 114 -2.79 12.46 -10.29
CA ASP A 114 -1.52 11.71 -10.24
C ASP A 114 -1.66 10.55 -9.25
N ALA A 115 -2.53 10.75 -8.27
CA ALA A 115 -3.00 9.65 -7.43
C ALA A 115 -1.87 9.07 -6.60
N LEU A 116 -0.97 9.94 -6.15
CA LEU A 116 0.18 9.51 -5.36
C LEU A 116 0.02 9.98 -3.88
N SER A 117 -1.02 10.74 -3.59
CA SER A 117 -1.22 11.19 -2.23
C SER A 117 -1.54 9.97 -1.33
N PRO A 118 -1.41 10.11 0.02
CA PRO A 118 -1.64 9.00 0.92
C PRO A 118 -3.02 8.40 0.82
N TYR A 119 -3.98 9.26 0.63
CA TYR A 119 -5.35 8.77 0.64
C TYR A 119 -5.70 7.84 -0.51
N ASN A 120 -5.30 8.23 -1.71
CA ASN A 120 -5.45 7.39 -2.90
C ASN A 120 -4.62 6.10 -2.79
N GLN A 121 -3.38 6.22 -2.30
CA GLN A 121 -2.49 5.08 -2.08
C GLN A 121 -3.10 4.10 -1.09
N GLY A 122 -3.69 4.61 0.00
CA GLY A 122 -4.33 3.75 0.96
C GLY A 122 -5.58 3.09 0.38
N LEU A 123 -6.37 3.81 -0.44
CA LEU A 123 -7.58 3.20 -1.03
C LEU A 123 -7.22 2.02 -1.91
N ILE A 124 -6.02 2.09 -2.51
CA ILE A 124 -5.46 1.01 -3.31
C ILE A 124 -5.04 -0.21 -2.47
N ALA A 125 -4.22 0.02 -1.46
CA ALA A 125 -3.96 -0.93 -0.38
C ALA A 125 -5.18 -1.65 0.13
N LEU A 126 -6.29 -0.93 0.29
CA LEU A 126 -7.49 -1.53 0.86
C LEU A 126 -8.30 -2.29 -0.17
N ASN A 127 -7.81 -2.31 -1.41
CA ASN A 127 -8.61 -2.84 -2.50
C ASN A 127 -9.91 -2.08 -2.74
N ARG A 128 -9.84 -0.76 -2.71
CA ARG A 128 -10.98 0.04 -3.11
C ARG A 128 -10.48 1.15 -3.96
N GLU A 129 -9.80 0.78 -5.03
CA GLU A 129 -9.26 1.75 -5.98
C GLU A 129 -10.32 2.81 -6.30
N PHE A 130 -9.88 4.06 -6.20
CA PHE A 130 -10.59 5.21 -6.76
C PHE A 130 -9.70 5.75 -7.92
N LEU A 131 -8.79 6.67 -7.63
CA LEU A 131 -7.83 7.21 -8.60
C LEU A 131 -6.53 6.41 -8.48
N VAL A 132 -5.92 6.03 -9.58
CA VAL A 132 -4.75 5.14 -9.49
C VAL A 132 -3.63 5.69 -10.39
N PRO A 133 -2.36 5.50 -9.99
CA PRO A 133 -1.39 6.30 -10.71
C PRO A 133 -1.18 5.79 -12.12
N ALA A 134 -0.83 6.69 -13.05
CA ALA A 134 -0.78 6.38 -14.52
C ALA A 134 0.18 5.28 -15.04
N THR A 135 1.37 5.15 -14.49
CA THR A 135 2.33 4.11 -14.95
C THR A 135 1.88 2.71 -14.50
N PRO A 136 1.59 2.56 -13.20
CA PRO A 136 1.10 1.27 -12.74
C PRO A 136 -0.14 0.86 -13.52
N ARG A 137 -1.06 1.81 -13.68
CA ARG A 137 -2.23 1.59 -14.52
C ARG A 137 -1.84 1.09 -15.93
N ALA A 138 -0.82 1.74 -16.48
CA ALA A 138 -0.32 1.43 -17.82
C ALA A 138 0.24 -0.02 -17.89
N VAL A 139 0.91 -0.45 -16.83
CA VAL A 139 1.35 -1.84 -16.69
C VAL A 139 0.21 -2.84 -16.81
N ILE A 140 -0.85 -2.61 -16.04
CA ILE A 140 -2.00 -3.48 -16.04
C ILE A 140 -2.81 -3.43 -17.36
N ASP A 141 -2.89 -2.26 -17.97
CA ASP A 141 -3.52 -2.10 -19.27
C ASP A 141 -2.83 -3.02 -20.28
N ILE A 142 -1.51 -3.14 -20.22
CA ILE A 142 -0.79 -3.96 -21.19
C ILE A 142 -1.18 -5.39 -20.95
N MET A 143 -1.31 -5.73 -19.67
CA MET A 143 -1.56 -7.09 -19.32
C MET A 143 -3.03 -7.44 -19.70
N ASP A 144 -3.96 -6.52 -19.45
CA ASP A 144 -5.37 -6.72 -19.79
C ASP A 144 -5.57 -6.87 -21.29
N TYR A 145 -4.90 -6.02 -22.05
CA TYR A 145 -5.14 -5.95 -23.45
C TYR A 145 -4.41 -7.06 -24.23
N TYR A 146 -3.34 -7.65 -23.68
CA TYR A 146 -2.59 -8.73 -24.32
C TYR A 146 -2.90 -10.14 -23.77
N GLY A 147 -3.62 -10.21 -22.65
CA GLY A 147 -4.18 -11.49 -22.24
C GLY A 147 -3.50 -12.23 -21.09
N TYR A 148 -2.68 -11.54 -20.30
CA TYR A 148 -2.01 -12.09 -19.13
C TYR A 148 -2.75 -11.92 -17.78
N HIS A 149 -3.16 -13.03 -17.16
CA HIS A 149 -3.97 -13.01 -15.96
C HIS A 149 -3.52 -14.00 -14.93
N GLU A 150 -3.79 -13.75 -13.66
CA GLU A 150 -3.43 -14.70 -12.61
C GLU A 150 -2.01 -15.30 -12.68
N ASN A 151 -1.01 -14.50 -13.03
CA ASN A 151 0.39 -14.95 -13.13
C ASN A 151 1.24 -14.48 -11.91
N THR A 152 2.42 -15.09 -11.78
CA THR A 152 3.50 -14.56 -10.92
C THR A 152 4.08 -13.35 -11.62
N VAL A 153 4.28 -12.28 -10.85
CA VAL A 153 4.90 -11.09 -11.40
C VAL A 153 6.03 -10.73 -10.44
N THR A 154 7.20 -10.39 -11.00
CA THR A 154 8.26 -9.78 -10.18
C THR A 154 8.39 -8.32 -10.63
N ILE A 155 8.32 -7.37 -9.69
CA ILE A 155 8.49 -5.95 -9.95
C ILE A 155 9.91 -5.61 -9.43
N VAL A 156 10.76 -5.02 -10.27
CA VAL A 156 12.07 -4.53 -9.81
C VAL A 156 12.01 -2.98 -9.70
N ASN A 157 11.71 -2.50 -8.47
CA ASN A 157 11.27 -1.13 -8.14
C ASN A 157 10.35 -1.16 -6.92
N ARG A 158 10.67 -0.31 -5.95
CA ARG A 158 9.85 -0.16 -4.76
C ARG A 158 9.54 1.34 -4.46
N SER A 159 9.53 2.16 -5.50
CA SER A 159 9.25 3.56 -5.24
C SER A 159 7.72 3.73 -5.12
N PRO A 160 7.25 4.83 -4.52
CA PRO A 160 5.81 5.07 -4.39
C PRO A 160 5.13 5.36 -5.72
N VAL A 161 5.89 5.70 -6.76
CA VAL A 161 5.35 6.10 -8.08
C VAL A 161 5.07 4.91 -8.97
N VAL A 162 5.80 3.83 -8.77
CA VAL A 162 5.62 2.67 -9.63
C VAL A 162 5.38 1.41 -8.80
N GLY A 163 6.46 0.91 -8.21
CA GLY A 163 6.53 -0.42 -7.62
C GLY A 163 5.49 -0.68 -6.54
N ARG A 164 5.32 0.24 -5.60
CA ARG A 164 4.42 -0.03 -4.48
C ARG A 164 2.95 0.00 -4.84
N PRO A 165 2.46 1.06 -5.50
CA PRO A 165 1.04 1.04 -5.86
C PRO A 165 0.74 -0.06 -6.85
N LEU A 166 1.73 -0.37 -7.69
CA LEU A 166 1.59 -1.44 -8.66
C LEU A 166 1.42 -2.79 -7.95
N SER A 167 2.20 -3.10 -6.92
CA SER A 167 2.00 -4.41 -6.30
C SER A 167 0.60 -4.56 -5.66
N MET A 168 0.05 -3.45 -5.15
CA MET A 168 -1.27 -3.45 -4.53
C MET A 168 -2.33 -3.59 -5.62
N MET A 169 -2.13 -2.91 -6.76
CA MET A 169 -3.07 -3.06 -7.88
C MET A 169 -3.00 -4.49 -8.43
N LEU A 170 -1.82 -5.14 -8.39
CA LEU A 170 -1.74 -6.52 -8.94
C LEU A 170 -2.38 -7.50 -7.94
N LEU A 171 -2.19 -7.27 -6.65
CA LEU A 171 -2.93 -8.04 -5.67
C LEU A 171 -4.47 -7.88 -5.73
N ASN A 172 -4.99 -6.68 -5.90
CA ASN A 172 -6.40 -6.51 -6.21
C ASN A 172 -6.90 -7.33 -7.40
N ARG A 173 -6.01 -7.69 -8.31
CA ARG A 173 -6.44 -8.40 -9.51
C ARG A 173 -6.00 -9.84 -9.52
N ASN A 174 -5.51 -10.32 -8.37
CA ASN A 174 -5.28 -11.76 -8.16
C ASN A 174 -3.94 -12.27 -8.64
N TYR A 175 -3.07 -11.37 -8.99
CA TYR A 175 -1.73 -11.77 -9.39
C TYR A 175 -0.99 -12.18 -8.13
N THR A 176 0.10 -12.95 -8.28
CA THR A 176 1.05 -13.25 -7.15
C THR A 176 2.28 -12.31 -7.33
N VAL A 177 2.75 -11.67 -6.30
CA VAL A 177 3.64 -10.54 -6.53
C VAL A 177 4.93 -10.58 -5.72
N SER A 178 6.04 -10.24 -6.35
CA SER A 178 7.30 -10.14 -5.67
C SER A 178 7.87 -8.76 -5.96
N VAL A 179 8.29 -8.03 -4.92
CA VAL A 179 8.98 -6.76 -5.12
C VAL A 179 10.42 -6.89 -4.72
N CYS A 180 11.30 -6.54 -5.63
CA CYS A 180 12.67 -6.51 -5.24
C CYS A 180 13.34 -5.17 -5.69
N HIS A 181 14.58 -4.93 -5.29
CA HIS A 181 15.13 -3.57 -5.26
C HIS A 181 16.64 -3.65 -5.01
N SER A 182 17.28 -2.48 -4.83
CA SER A 182 18.75 -2.38 -4.81
C SER A 182 19.38 -3.12 -3.62
N LYS A 183 18.58 -3.33 -2.58
CA LYS A 183 18.96 -4.18 -1.46
C LYS A 183 18.59 -5.68 -1.59
N THR A 184 18.05 -6.12 -2.74
CA THR A 184 17.89 -7.58 -2.96
C THR A 184 19.20 -8.20 -3.46
N LYS A 185 19.70 -9.21 -2.80
CA LYS A 185 21.02 -9.65 -3.15
C LYS A 185 20.99 -10.54 -4.36
N ASP A 186 19.87 -11.22 -4.61
CA ASP A 186 19.78 -12.07 -5.78
C ASP A 186 18.57 -11.73 -6.65
N ILE A 187 18.66 -10.66 -7.43
CA ILE A 187 17.52 -10.23 -8.24
C ILE A 187 17.18 -11.26 -9.34
N GLY A 188 18.20 -11.70 -10.08
CA GLY A 188 18.09 -12.67 -11.14
C GLY A 188 17.28 -13.92 -10.85
N SER A 189 17.41 -14.42 -9.64
CA SER A 189 16.67 -15.56 -9.18
C SER A 189 15.15 -15.30 -9.14
N MET A 190 14.75 -14.07 -8.79
CA MET A 190 13.35 -13.80 -8.63
C MET A 190 12.79 -13.45 -9.96
N THR A 191 13.55 -12.70 -10.77
CA THR A 191 13.03 -12.33 -12.05
C THR A 191 12.88 -13.57 -12.99
N ARG A 192 13.80 -14.53 -12.93
CA ARG A 192 13.71 -15.79 -13.72
C ARG A 192 12.57 -16.69 -13.26
N SER A 193 12.09 -16.56 -12.03
CA SER A 193 11.03 -17.46 -11.61
C SER A 193 9.57 -16.93 -11.79
N SER A 194 9.42 -15.68 -12.24
CA SER A 194 8.12 -15.10 -12.49
C SER A 194 7.70 -15.22 -13.97
N LYS A 195 6.40 -15.37 -14.22
CA LYS A 195 5.93 -15.31 -15.58
C LYS A 195 6.17 -13.92 -16.15
N ILE A 196 5.87 -12.89 -15.36
CA ILE A 196 5.96 -11.49 -15.80
C ILE A 196 7.11 -10.77 -15.06
N VAL A 197 7.92 -9.95 -15.73
CA VAL A 197 8.87 -9.09 -15.03
C VAL A 197 8.51 -7.65 -15.36
N VAL A 198 8.25 -6.84 -14.34
CA VAL A 198 8.09 -5.41 -14.55
C VAL A 198 9.38 -4.73 -14.06
N VAL A 199 10.08 -4.05 -14.97
CA VAL A 199 11.37 -3.49 -14.65
C VAL A 199 11.38 -1.98 -14.70
N ALA A 200 11.89 -1.39 -13.63
CA ALA A 200 12.03 0.06 -13.52
C ALA A 200 13.21 0.45 -12.58
N VAL A 201 14.45 0.38 -13.07
CA VAL A 201 15.64 0.73 -12.27
C VAL A 201 16.40 1.92 -12.83
N GLY A 202 15.98 2.40 -13.99
CA GLY A 202 16.73 3.47 -14.71
C GLY A 202 18.19 3.11 -14.99
N ARG A 203 18.41 2.10 -15.82
CA ARG A 203 19.72 1.52 -16.00
C ARG A 203 19.67 0.78 -17.32
N PRO A 204 20.22 1.39 -18.37
CA PRO A 204 20.14 0.78 -19.72
C PRO A 204 20.82 -0.57 -19.76
N GLY A 205 20.17 -1.55 -20.36
CA GLY A 205 20.73 -2.90 -20.47
C GLY A 205 20.62 -3.80 -19.25
N PHE A 206 19.98 -3.33 -18.18
CA PHE A 206 19.84 -4.11 -16.95
C PHE A 206 19.19 -5.46 -17.16
N LEU A 207 18.07 -5.49 -17.86
CA LEU A 207 17.35 -6.74 -17.99
C LEU A 207 17.84 -7.46 -19.23
N ASN A 208 18.66 -8.48 -19.07
CA ASN A 208 19.20 -9.17 -20.23
C ASN A 208 18.81 -10.61 -20.08
N ARG A 209 19.33 -11.46 -20.94
CA ARG A 209 18.93 -12.85 -20.95
C ARG A 209 19.14 -13.57 -19.62
N GLU A 210 20.18 -13.18 -18.89
CA GLU A 210 20.43 -13.81 -17.59
C GLU A 210 19.31 -13.62 -16.58
N MET A 211 18.51 -12.53 -16.77
CA MET A 211 17.49 -12.14 -15.78
C MET A 211 16.11 -12.73 -16.09
N VAL A 212 15.96 -13.37 -17.25
CA VAL A 212 14.66 -13.92 -17.67
C VAL A 212 14.79 -15.34 -18.27
N THR A 213 13.66 -16.05 -18.46
CA THR A 213 13.67 -17.36 -19.12
C THR A 213 12.88 -17.27 -20.41
N PRO A 214 12.86 -18.33 -21.26
CA PRO A 214 12.04 -18.20 -22.50
C PRO A 214 10.52 -18.00 -22.29
N GLY A 215 9.97 -18.42 -21.16
CA GLY A 215 8.56 -18.17 -20.93
C GLY A 215 8.21 -16.71 -20.62
N SER A 216 9.20 -15.83 -20.45
CA SER A 216 8.86 -14.63 -19.78
C SER A 216 8.31 -13.47 -20.61
N VAL A 217 7.55 -12.63 -19.93
CA VAL A 217 6.85 -11.50 -20.53
C VAL A 217 7.44 -10.30 -19.87
N VAL A 218 8.05 -9.41 -20.65
CA VAL A 218 8.67 -8.25 -20.01
C VAL A 218 8.07 -6.86 -20.24
N ILE A 219 7.82 -6.14 -19.15
CA ILE A 219 7.15 -4.85 -19.25
C ILE A 219 8.19 -3.86 -18.72
N ASP A 220 8.66 -2.98 -19.61
CA ASP A 220 9.85 -2.21 -19.34
C ASP A 220 9.36 -0.80 -19.06
N VAL A 221 9.41 -0.40 -17.79
CA VAL A 221 8.94 0.88 -17.35
C VAL A 221 10.12 1.87 -17.20
N GLY A 222 11.36 1.43 -17.47
CA GLY A 222 12.53 2.33 -17.42
C GLY A 222 12.54 3.44 -18.48
N ILE A 223 13.02 4.61 -18.13
CA ILE A 223 13.21 5.66 -19.13
C ILE A 223 14.62 6.23 -18.94
N ASN A 224 15.50 5.94 -19.90
CA ASN A 224 16.86 6.44 -19.89
C ASN A 224 17.17 7.24 -21.15
N TYR A 225 17.84 8.38 -20.97
CA TYR A 225 18.26 9.24 -22.09
C TYR A 225 19.73 9.06 -22.25
N VAL A 226 20.12 8.37 -23.31
CA VAL A 226 21.51 8.06 -23.51
C VAL A 226 21.83 8.25 -25.00
N ASN A 227 23.00 8.88 -25.27
CA ASN A 227 23.35 9.48 -26.57
C ASN A 227 22.18 9.93 -27.46
N ASP A 228 21.42 10.92 -26.95
CA ASP A 228 20.35 11.62 -27.69
C ASP A 228 19.03 10.83 -27.94
N LYS A 229 18.98 9.55 -27.53
CA LYS A 229 17.78 8.70 -27.65
C LYS A 229 17.26 8.12 -26.34
N VAL A 230 15.93 7.96 -26.25
CA VAL A 230 15.26 7.34 -25.10
C VAL A 230 15.35 5.80 -25.19
N VAL A 231 15.73 5.14 -24.10
CA VAL A 231 15.87 3.70 -24.10
C VAL A 231 15.41 3.12 -22.73
N GLY A 232 14.96 1.87 -22.74
CA GLY A 232 14.35 1.26 -21.53
C GLY A 232 15.40 0.63 -20.65
N ASP A 233 14.97 -0.13 -19.66
CA ASP A 233 15.89 -0.86 -18.80
C ASP A 233 16.20 -2.26 -19.38
N ALA A 234 15.42 -2.71 -20.35
CA ALA A 234 15.64 -4.05 -20.89
C ALA A 234 16.56 -4.06 -22.14
N ASN A 235 17.28 -5.14 -22.35
CA ASN A 235 18.03 -5.26 -23.63
C ASN A 235 17.15 -5.82 -24.73
N PHE A 236 16.49 -4.94 -25.46
CA PHE A 236 15.47 -5.34 -26.41
C PHE A 236 15.94 -6.27 -27.48
N GLU A 237 17.08 -5.92 -28.07
CA GLU A 237 17.59 -6.76 -29.12
C GLU A 237 18.13 -8.10 -28.54
N ASP A 238 18.73 -8.14 -27.34
CA ASP A 238 19.17 -9.43 -26.70
C ASP A 238 17.93 -10.29 -26.40
N LEU A 239 16.85 -9.62 -25.94
CA LEU A 239 15.65 -10.33 -25.47
C LEU A 239 14.60 -10.75 -26.54
N SER A 240 14.47 -9.99 -27.62
CA SER A 240 13.27 -10.13 -28.50
C SER A 240 13.31 -11.49 -29.20
N GLU A 241 14.50 -11.99 -29.43
CA GLU A 241 14.60 -13.29 -30.00
C GLU A 241 14.42 -14.48 -29.00
N TYR A 242 14.15 -14.16 -27.71
CA TYR A 242 14.23 -15.12 -26.58
C TYR A 242 13.01 -15.16 -25.62
N VAL A 243 12.50 -14.00 -25.20
CA VAL A 243 11.32 -13.96 -24.34
C VAL A 243 10.05 -14.20 -25.16
N GLU A 244 8.95 -14.47 -24.46
CA GLU A 244 7.65 -14.60 -25.07
C GLU A 244 7.07 -13.26 -25.55
N ALA A 245 7.25 -12.18 -24.76
CA ALA A 245 6.67 -10.88 -25.11
C ALA A 245 7.42 -9.80 -24.38
N ILE A 246 7.55 -8.64 -25.01
CA ILE A 246 8.32 -7.57 -24.43
C ILE A 246 7.71 -6.24 -24.93
N THR A 247 7.52 -5.27 -24.03
CA THR A 247 7.12 -3.89 -24.39
C THR A 247 8.35 -3.19 -24.91
N PRO A 248 8.23 -2.57 -26.11
CA PRO A 248 9.36 -1.72 -26.50
C PRO A 248 9.37 -0.41 -25.72
N VAL A 249 10.49 0.31 -25.81
CA VAL A 249 10.63 1.63 -25.26
C VAL A 249 11.35 2.44 -26.31
N PRO A 250 10.79 3.59 -26.75
CA PRO A 250 9.44 4.10 -26.56
C PRO A 250 8.44 3.20 -27.23
N GLY A 251 7.16 3.39 -26.95
CA GLY A 251 6.12 2.67 -27.68
C GLY A 251 5.44 1.58 -26.87
N GLY A 252 5.94 1.29 -25.67
CA GLY A 252 5.33 0.29 -24.77
C GLY A 252 4.30 0.87 -23.79
N VAL A 253 4.69 1.07 -22.52
CA VAL A 253 3.83 1.73 -21.52
C VAL A 253 3.74 3.24 -21.69
N GLY A 254 4.79 3.85 -22.23
CA GLY A 254 4.84 5.28 -22.56
C GLY A 254 3.57 5.91 -23.17
N PRO A 255 3.11 5.41 -24.33
CA PRO A 255 2.02 6.09 -24.95
C PRO A 255 0.74 6.10 -24.13
N ILE A 256 0.61 5.28 -23.09
CA ILE A 256 -0.65 5.11 -22.36
C ILE A 256 -0.78 6.14 -21.19
N THR A 257 0.37 6.49 -20.61
CA THR A 257 0.45 7.30 -19.38
C THR A 257 -0.42 8.55 -19.40
N ALA A 258 -0.29 9.37 -20.44
CA ALA A 258 -1.07 10.60 -20.46
C ALA A 258 -2.57 10.32 -20.47
N THR A 259 -3.00 9.28 -21.16
CA THR A 259 -4.39 8.96 -21.26
C THR A 259 -4.87 8.47 -19.89
N ASN A 260 -4.01 7.80 -19.13
CA ASN A 260 -4.40 7.29 -17.83
C ASN A 260 -4.56 8.41 -16.81
N ILE A 261 -3.79 9.48 -16.94
CA ILE A 261 -4.04 10.70 -16.16
C ILE A 261 -5.41 11.26 -16.52
N LEU A 262 -5.72 11.32 -17.81
CA LEU A 262 -7.02 11.83 -18.24
C LEU A 262 -8.13 10.93 -17.79
N GLU A 263 -7.87 9.62 -17.75
CA GLU A 263 -8.88 8.73 -17.20
C GLU A 263 -9.24 9.02 -15.71
N ASN A 264 -8.22 9.28 -14.89
CA ASN A 264 -8.45 9.77 -13.55
C ASN A 264 -9.25 11.10 -13.53
N VAL A 265 -8.95 12.02 -14.44
CA VAL A 265 -9.72 13.27 -14.51
C VAL A 265 -11.23 13.05 -14.75
N VAL A 266 -11.57 12.14 -15.66
CA VAL A 266 -12.98 11.75 -15.86
C VAL A 266 -13.58 11.15 -14.58
N LYS A 267 -12.87 10.21 -13.95
CA LYS A 267 -13.37 9.62 -12.68
C LYS A 267 -13.54 10.65 -11.58
N ALA A 268 -12.55 11.52 -11.45
CA ALA A 268 -12.61 12.63 -10.51
C ALA A 268 -13.91 13.47 -10.72
N ALA A 269 -14.09 13.99 -11.94
CA ALA A 269 -15.24 14.78 -12.35
C ALA A 269 -16.55 14.04 -12.18
N GLU A 270 -16.53 12.73 -12.36
CA GLU A 270 -17.76 12.02 -12.23
C GLU A 270 -18.11 11.74 -10.76
N PHE A 271 -17.11 11.52 -9.91
CA PHE A 271 -17.34 11.44 -8.48
C PHE A 271 -17.81 12.80 -7.89
N GLN A 272 -17.25 13.90 -8.37
CA GLN A 272 -17.69 15.24 -7.93
C GLN A 272 -19.17 15.50 -8.30
N LYS A 273 -19.58 15.06 -9.51
CA LYS A 273 -20.96 15.27 -9.92
C LYS A 273 -21.89 14.44 -9.06
N ASN A 274 -21.70 13.13 -8.99
CA ASN A 274 -22.48 12.24 -8.13
C ASN A 274 -22.51 12.54 -6.62
N ASN A 275 -21.46 13.18 -6.09
CA ASN A 275 -21.24 13.27 -4.62
C ASN A 275 -21.08 14.68 -4.08
N LEU A 276 -20.60 15.58 -4.94
CA LEU A 276 -20.23 16.95 -4.56
C LEU A 276 -19.14 17.03 -3.45
N LYS B 2 15.46 -20.87 17.63
CA LYS B 2 14.48 -21.98 17.64
C LYS B 2 13.13 -21.39 18.06
N ILE B 3 12.84 -21.14 19.34
CA ILE B 3 11.46 -20.65 19.57
C ILE B 3 11.11 -19.15 19.82
N LEU B 4 10.32 -18.57 18.91
CA LEU B 4 10.17 -17.09 18.80
C LEU B 4 8.96 -16.55 19.55
N ARG B 5 9.16 -16.30 20.85
CA ARG B 5 8.13 -15.87 21.80
C ARG B 5 7.96 -14.35 21.86
N GLY B 6 6.71 -13.89 22.00
CA GLY B 6 6.43 -12.47 22.03
C GLY B 6 6.24 -11.84 23.38
N GLU B 7 6.23 -12.63 24.44
CA GLU B 7 5.95 -12.04 25.76
C GLU B 7 7.01 -11.00 26.18
N GLU B 8 8.28 -11.42 26.15
CA GLU B 8 9.43 -10.56 26.51
C GLU B 8 9.42 -9.26 25.70
N ILE B 9 9.00 -9.35 24.43
CA ILE B 9 8.99 -8.22 23.53
C ILE B 9 7.94 -7.20 23.96
N ALA B 10 6.80 -7.72 24.40
CA ALA B 10 5.71 -6.87 24.87
C ALA B 10 6.01 -6.13 26.16
N GLU B 11 6.70 -6.79 27.08
CA GLU B 11 7.13 -6.15 28.31
C GLU B 11 8.17 -5.11 27.99
N LYS B 12 9.15 -5.41 27.16
CA LYS B 12 10.18 -4.40 26.88
C LYS B 12 9.49 -3.23 26.17
N LYS B 13 8.62 -3.54 25.20
CA LYS B 13 7.92 -2.46 24.56
C LYS B 13 7.09 -1.64 25.57
N ALA B 14 6.36 -2.33 26.44
CA ALA B 14 5.55 -1.66 27.49
C ALA B 14 6.36 -0.63 28.36
N GLU B 15 7.57 -1.01 28.76
CA GLU B 15 8.47 -0.11 29.53
C GLU B 15 8.90 1.12 28.76
N ASN B 16 9.34 0.90 27.52
CA ASN B 16 9.58 2.01 26.61
C ASN B 16 8.41 2.91 26.51
N LEU B 17 7.21 2.37 26.27
CA LEU B 17 6.03 3.21 26.25
C LEU B 17 5.91 4.09 27.49
N HIS B 18 6.14 3.49 28.66
CA HIS B 18 6.16 4.23 29.93
C HIS B 18 7.20 5.38 29.98
N GLY B 19 8.45 5.06 29.65
CA GLY B 19 9.54 6.03 29.48
C GLY B 19 9.11 7.22 28.64
N ILE B 20 8.60 6.91 27.44
CA ILE B 20 8.14 7.90 26.46
C ILE B 20 6.95 8.72 26.98
N ILE B 21 6.07 8.10 27.76
CA ILE B 21 4.96 8.82 28.41
C ILE B 21 5.45 9.81 29.53
N GLU B 22 6.33 9.35 30.41
CA GLU B 22 6.94 10.20 31.44
C GLU B 22 7.68 11.41 30.86
N ARG B 23 8.66 11.14 30.00
CA ARG B 23 9.56 12.14 29.44
C ARG B 23 8.87 13.27 28.71
N SER B 24 7.59 13.12 28.36
CA SER B 24 6.88 14.28 27.79
C SER B 24 5.59 14.63 28.48
N GLY B 25 5.39 14.11 29.69
CA GLY B 25 4.14 14.33 30.42
C GLY B 25 2.84 14.30 29.60
N LEU B 26 2.64 13.24 28.81
CA LEU B 26 1.39 13.02 28.09
C LEU B 26 0.40 12.30 29.01
N GLU B 27 -0.89 12.55 28.83
CA GLU B 27 -1.91 11.68 29.42
C GLU B 27 -2.69 11.07 28.25
N PRO B 28 -2.15 10.00 27.64
CA PRO B 28 -2.82 9.50 26.44
C PRO B 28 -4.09 8.78 26.84
N SER B 29 -5.11 8.96 26.01
CA SER B 29 -6.45 8.56 26.33
C SER B 29 -7.03 7.82 25.13
N LEU B 30 -7.50 6.58 25.31
CA LEU B 30 -8.00 5.77 24.18
C LEU B 30 -9.44 5.36 24.45
N LYS B 31 -10.35 5.65 23.52
CA LYS B 31 -11.68 5.02 23.51
C LYS B 31 -11.78 3.75 22.68
N LEU B 32 -12.50 2.77 23.21
CA LEU B 32 -12.78 1.53 22.47
C LEU B 32 -14.28 1.40 22.30
N ILE B 33 -14.75 0.92 21.14
CA ILE B 33 -16.18 0.69 20.92
C ILE B 33 -16.42 -0.78 20.59
N GLN B 34 -17.25 -1.46 21.38
CA GLN B 34 -17.66 -2.83 21.02
C GLN B 34 -19.15 -2.88 20.72
N ILE B 35 -19.49 -3.47 19.58
CA ILE B 35 -20.87 -3.72 19.20
C ILE B 35 -21.09 -5.24 19.17
N GLY B 36 -21.88 -5.76 20.11
CA GLY B 36 -22.09 -7.21 20.22
C GLY B 36 -21.49 -7.76 21.49
N ASP B 37 -21.50 -9.09 21.63
CA ASP B 37 -20.97 -9.71 22.85
C ASP B 37 -19.78 -10.63 22.52
N ASN B 38 -19.23 -10.51 21.30
CA ASN B 38 -18.09 -11.37 20.90
C ASN B 38 -16.98 -11.59 21.92
N GLU B 39 -16.67 -12.87 22.12
CA GLU B 39 -15.72 -13.27 23.13
C GLU B 39 -14.28 -12.71 22.95
N ALA B 40 -13.69 -12.88 21.75
CA ALA B 40 -12.28 -12.48 21.53
C ALA B 40 -12.07 -10.96 21.58
N ALA B 41 -13.08 -10.23 21.16
CA ALA B 41 -13.09 -8.79 21.18
C ALA B 41 -13.04 -8.27 22.59
N SER B 42 -13.83 -8.87 23.50
CA SER B 42 -13.82 -8.49 24.94
C SER B 42 -12.51 -8.80 25.58
N ILE B 43 -11.95 -9.97 25.28
CA ILE B 43 -10.60 -10.32 25.73
C ILE B 43 -9.54 -9.30 25.28
N TYR B 44 -9.66 -8.86 24.04
CA TYR B 44 -8.74 -7.92 23.45
C TYR B 44 -8.87 -6.54 24.08
N ALA B 45 -10.12 -6.06 24.19
CA ALA B 45 -10.44 -4.79 24.85
C ALA B 45 -9.90 -4.75 26.27
N ARG B 46 -10.17 -5.79 27.04
CA ARG B 46 -9.74 -5.81 28.44
C ARG B 46 -8.19 -5.88 28.61
N ALA B 47 -7.51 -6.53 27.67
CA ALA B 47 -6.05 -6.52 27.61
C ALA B 47 -5.47 -5.11 27.43
N LYS B 48 -6.10 -4.30 26.58
CA LYS B 48 -5.62 -2.94 26.33
C LYS B 48 -5.93 -2.01 27.52
N ILE B 49 -7.06 -2.25 28.19
CA ILE B 49 -7.36 -1.50 29.40
C ILE B 49 -6.25 -1.76 30.42
N ARG B 50 -6.00 -3.05 30.68
CA ARG B 50 -5.12 -3.49 31.75
C ARG B 50 -3.70 -3.09 31.49
N ARG B 51 -3.22 -3.37 30.27
CA ARG B 51 -1.86 -3.01 29.95
C ARG B 51 -1.76 -1.51 29.93
N GLY B 52 -2.87 -0.87 29.57
CA GLY B 52 -2.99 0.57 29.61
C GLY B 52 -2.70 1.16 30.98
N LYS B 53 -3.41 0.68 32.01
CA LYS B 53 -3.19 1.08 33.42
C LYS B 53 -1.74 0.93 33.83
N LYS B 54 -1.22 -0.29 33.80
CA LYS B 54 0.21 -0.53 34.03
C LYS B 54 1.12 0.56 33.43
N ILE B 55 0.67 1.21 32.36
CA ILE B 55 1.56 1.98 31.48
C ILE B 55 1.38 3.51 31.57
N GLY B 56 0.17 3.95 31.92
CA GLY B 56 -0.11 5.37 32.06
C GLY B 56 -1.09 5.84 30.98
N ILE B 57 -1.72 4.90 30.28
CA ILE B 57 -2.66 5.28 29.23
C ILE B 57 -4.04 4.96 29.73
N ALA B 58 -4.94 5.94 29.65
CA ALA B 58 -6.29 5.78 30.11
C ALA B 58 -7.15 5.18 28.96
N VAL B 59 -7.54 3.91 29.10
CA VAL B 59 -8.31 3.21 28.07
C VAL B 59 -9.70 2.95 28.59
N ASP B 60 -10.74 3.40 27.91
CA ASP B 60 -12.09 3.20 28.40
C ASP B 60 -13.01 2.57 27.31
N LEU B 61 -13.68 1.46 27.66
CA LEU B 61 -14.53 0.67 26.75
C LEU B 61 -16.03 1.04 26.83
N GLU B 62 -16.67 1.17 25.67
CA GLU B 62 -18.11 1.43 25.56
C GLU B 62 -18.69 0.31 24.75
N LYS B 63 -19.55 -0.48 25.39
CA LYS B 63 -20.26 -1.60 24.78
C LYS B 63 -21.64 -1.14 24.30
N TYR B 64 -22.16 -1.80 23.29
CA TYR B 64 -23.52 -1.56 22.83
C TYR B 64 -24.13 -2.88 22.40
N ASP B 65 -25.16 -3.31 23.14
CA ASP B 65 -25.95 -4.48 22.75
C ASP B 65 -26.43 -4.16 21.35
N ASP B 66 -26.91 -2.94 21.16
CA ASP B 66 -27.48 -2.55 19.87
C ASP B 66 -27.30 -1.07 19.57
N ILE B 67 -26.77 -0.78 18.40
CA ILE B 67 -26.55 0.60 18.01
C ILE B 67 -27.07 0.80 16.59
N SER B 68 -27.61 1.97 16.35
CA SER B 68 -28.07 2.31 15.03
C SER B 68 -26.87 2.90 14.30
N MET B 69 -26.55 2.34 13.15
CA MET B 69 -25.44 2.85 12.32
C MET B 69 -25.27 4.38 12.41
N LYS B 70 -26.39 5.11 12.35
CA LYS B 70 -26.36 6.58 12.23
C LYS B 70 -26.15 7.32 13.56
N ASP B 71 -26.31 6.61 14.68
CA ASP B 71 -25.94 7.14 16.00
C ASP B 71 -24.46 6.83 16.31
N LEU B 72 -23.99 5.72 15.73
CA LEU B 72 -22.62 5.30 15.87
C LEU B 72 -21.75 6.34 15.21
N LEU B 73 -22.09 6.64 13.96
CA LEU B 73 -21.39 7.68 13.19
C LEU B 73 -21.36 8.98 13.97
N LYS B 74 -22.48 9.29 14.63
CA LYS B 74 -22.53 10.44 15.53
C LYS B 74 -21.58 10.35 16.74
N ARG B 75 -21.71 9.32 17.57
CA ARG B 75 -20.77 9.18 18.69
C ARG B 75 -19.29 9.18 18.28
N ILE B 76 -18.98 8.61 17.11
CA ILE B 76 -17.62 8.62 16.54
C ILE B 76 -17.17 10.01 16.13
N ASP B 77 -18.05 10.73 15.45
CA ASP B 77 -17.78 12.12 15.14
C ASP B 77 -17.70 12.93 16.43
N ASP B 78 -18.45 12.50 17.44
CA ASP B 78 -18.43 13.07 18.79
C ASP B 78 -17.10 12.83 19.52
N LEU B 79 -16.53 11.62 19.39
CA LEU B 79 -15.20 11.34 19.96
C LEU B 79 -14.08 12.00 19.18
N ALA B 80 -14.27 12.13 17.87
CA ALA B 80 -13.35 12.88 16.99
C ALA B 80 -13.11 14.35 17.41
N LYS B 81 -14.19 15.10 17.62
CA LYS B 81 -14.13 16.54 17.95
C LYS B 81 -13.65 16.88 19.40
N ASP B 82 -13.70 15.86 20.28
CA ASP B 82 -13.23 15.98 21.64
C ASP B 82 -11.71 15.91 21.64
N PRO B 83 -11.03 17.04 21.93
CA PRO B 83 -9.56 17.01 21.99
C PRO B 83 -9.03 16.26 23.22
N GLN B 84 -9.93 15.78 24.07
CA GLN B 84 -9.48 14.96 25.20
C GLN B 84 -9.42 13.45 24.84
N ILE B 85 -9.99 13.09 23.71
CA ILE B 85 -9.76 11.72 23.29
C ILE B 85 -8.65 11.65 22.26
N ASN B 86 -7.60 10.89 22.54
CA ASN B 86 -6.50 10.81 21.60
C ASN B 86 -6.65 9.70 20.58
N GLY B 87 -7.28 8.62 21.00
CA GLY B 87 -7.40 7.42 20.19
C GLY B 87 -8.81 6.91 20.19
N ILE B 88 -9.24 6.50 19.01
CA ILE B 88 -10.53 5.82 18.80
C ILE B 88 -10.31 4.50 18.04
N MET B 89 -10.89 3.43 18.56
CA MET B 89 -10.84 2.16 17.93
C MET B 89 -12.17 1.46 18.01
N ILE B 90 -12.63 0.92 16.89
CA ILE B 90 -13.81 0.05 16.87
C ILE B 90 -13.38 -1.40 16.86
N GLU B 91 -13.90 -2.20 17.78
CA GLU B 91 -13.50 -3.59 17.93
C GLU B 91 -14.12 -4.49 16.85
N ASN B 92 -13.39 -5.52 16.41
CA ASN B 92 -13.94 -6.52 15.49
C ASN B 92 -14.28 -7.88 16.17
N PRO B 93 -15.22 -8.66 15.57
CA PRO B 93 -16.05 -8.38 14.39
C PRO B 93 -17.23 -7.46 14.69
N LEU B 94 -17.74 -6.81 13.65
CA LEU B 94 -18.95 -6.01 13.74
C LEU B 94 -20.19 -6.85 13.34
N PRO B 95 -21.40 -6.28 13.48
CA PRO B 95 -22.51 -7.11 12.98
C PRO B 95 -22.54 -7.20 11.45
N LYS B 96 -23.37 -8.11 10.93
CA LYS B 96 -23.62 -8.22 9.47
C LYS B 96 -24.02 -6.85 8.92
N GLY B 97 -23.62 -6.59 7.67
CA GLY B 97 -24.01 -5.39 6.93
C GLY B 97 -23.16 -4.15 7.22
N PHE B 98 -22.65 -4.07 8.45
CA PHE B 98 -21.74 -2.99 8.92
C PHE B 98 -20.38 -3.08 8.22
N ASP B 99 -20.00 -2.00 7.53
CA ASP B 99 -18.71 -1.93 6.86
C ASP B 99 -17.71 -1.25 7.79
N TYR B 100 -16.75 -2.03 8.28
CA TYR B 100 -15.73 -1.49 9.16
C TYR B 100 -14.99 -0.31 8.49
N TYR B 101 -14.49 -0.54 7.27
CA TYR B 101 -13.62 0.40 6.57
C TYR B 101 -14.24 1.74 6.31
N GLU B 102 -15.56 1.76 6.28
CA GLU B 102 -16.30 2.94 5.93
C GLU B 102 -16.71 3.70 7.20
N ILE B 103 -16.82 3.01 8.33
CA ILE B 103 -16.95 3.70 9.64
C ILE B 103 -15.61 4.36 9.99
N VAL B 104 -14.53 3.64 9.77
CA VAL B 104 -13.19 4.04 10.17
C VAL B 104 -12.67 5.29 9.43
N ARG B 105 -13.10 5.46 8.19
CA ARG B 105 -12.83 6.70 7.45
C ARG B 105 -13.28 7.98 8.20
N ASN B 106 -14.21 7.84 9.17
CA ASN B 106 -14.79 8.97 9.90
C ASN B 106 -14.10 9.26 11.23
N ILE B 107 -13.13 8.42 11.58
CA ILE B 107 -12.14 8.71 12.61
C ILE B 107 -11.06 9.48 11.87
N PRO B 108 -10.60 10.60 12.44
CA PRO B 108 -9.45 11.26 11.86
C PRO B 108 -8.22 10.36 11.95
N TYR B 109 -7.35 10.44 10.97
CA TYR B 109 -6.27 9.49 10.87
C TYR B 109 -5.33 9.55 12.06
N TYR B 110 -5.23 10.72 12.67
CA TYR B 110 -4.33 10.90 13.78
C TYR B 110 -4.99 10.40 15.08
N LYS B 111 -6.18 9.82 15.00
CA LYS B 111 -6.79 9.13 16.16
C LYS B 111 -7.01 7.62 15.92
N ASP B 112 -6.62 7.19 14.71
CA ASP B 112 -7.02 5.90 14.18
C ASP B 112 -5.99 4.86 14.60
N VAL B 113 -5.98 4.51 15.89
CA VAL B 113 -4.98 3.61 16.43
C VAL B 113 -4.94 2.18 15.85
N ASP B 114 -6.05 1.73 15.28
CA ASP B 114 -6.06 0.45 14.59
C ASP B 114 -5.26 0.52 13.26
N ALA B 115 -5.21 1.71 12.66
CA ALA B 115 -4.33 2.04 11.55
C ALA B 115 -4.72 1.39 10.24
N LEU B 116 -6.00 1.13 10.06
CA LEU B 116 -6.45 0.48 8.83
C LEU B 116 -7.21 1.41 7.86
N SER B 117 -7.43 2.66 8.28
CA SER B 117 -8.00 3.70 7.41
C SER B 117 -7.07 4.06 6.22
N PRO B 118 -7.62 4.65 5.14
CA PRO B 118 -6.84 4.94 3.94
C PRO B 118 -5.64 5.79 4.18
N TYR B 119 -5.85 6.89 4.87
CA TYR B 119 -4.75 7.80 5.07
C TYR B 119 -3.55 7.08 5.71
N ASN B 120 -3.79 6.31 6.78
CA ASN B 120 -2.66 5.59 7.46
C ASN B 120 -2.04 4.49 6.63
N GLN B 121 -2.83 3.79 5.83
CA GLN B 121 -2.29 2.80 4.93
C GLN B 121 -1.42 3.47 3.89
N GLY B 122 -1.91 4.60 3.35
CA GLY B 122 -1.17 5.34 2.35
C GLY B 122 0.17 5.83 2.84
N LEU B 123 0.25 6.25 4.12
CA LEU B 123 1.51 6.73 4.67
C LEU B 123 2.51 5.59 4.78
N ILE B 124 2.03 4.40 5.11
CA ILE B 124 2.92 3.21 5.14
C ILE B 124 3.52 2.99 3.72
N ALA B 125 2.66 2.91 2.70
CA ALA B 125 3.07 2.78 1.29
C ALA B 125 4.12 3.79 0.90
N LEU B 126 3.97 5.02 1.37
CA LEU B 126 4.84 6.09 0.95
C LEU B 126 6.07 6.14 1.78
N ASN B 127 6.28 5.08 2.58
CA ASN B 127 7.40 5.00 3.50
C ASN B 127 7.43 6.19 4.49
N ARG B 128 6.26 6.60 4.92
CA ARG B 128 6.15 7.69 5.86
C ARG B 128 5.33 7.23 7.08
N GLU B 129 5.71 6.09 7.64
CA GLU B 129 4.91 5.44 8.66
C GLU B 129 4.62 6.41 9.81
N PHE B 130 3.35 6.46 10.15
CA PHE B 130 2.89 7.15 11.34
C PHE B 130 2.25 6.07 12.26
N LEU B 131 0.94 5.87 12.27
CA LEU B 131 0.33 4.82 13.07
C LEU B 131 0.31 3.59 12.16
N VAL B 132 0.70 2.41 12.67
CA VAL B 132 0.76 1.20 11.86
C VAL B 132 -0.10 0.06 12.48
N PRO B 133 -0.64 -0.86 11.62
CA PRO B 133 -1.53 -1.79 12.29
C PRO B 133 -0.78 -2.78 13.16
N ALA B 134 -1.43 -3.21 14.22
CA ALA B 134 -0.83 -3.96 15.34
C ALA B 134 -0.22 -5.33 15.04
N THR B 135 -0.91 -6.15 14.26
CA THR B 135 -0.39 -7.44 13.80
C THR B 135 0.85 -7.31 12.92
N PRO B 136 0.79 -6.53 11.84
CA PRO B 136 2.01 -6.39 11.02
C PRO B 136 3.18 -5.81 11.82
N ARG B 137 2.89 -4.94 12.80
CA ARG B 137 3.94 -4.40 13.64
C ARG B 137 4.51 -5.49 14.52
N ALA B 138 3.65 -6.41 14.98
CA ALA B 138 4.11 -7.48 15.84
C ALA B 138 5.06 -8.43 15.07
N VAL B 139 4.79 -8.65 13.78
CA VAL B 139 5.63 -9.50 12.95
C VAL B 139 7.02 -8.89 12.89
N ILE B 140 7.04 -7.58 12.61
CA ILE B 140 8.26 -6.85 12.46
C ILE B 140 8.99 -6.74 13.83
N ASP B 141 8.21 -6.64 14.92
CA ASP B 141 8.78 -6.78 16.27
C ASP B 141 9.54 -8.10 16.50
N ILE B 142 8.94 -9.26 16.22
CA ILE B 142 9.68 -10.49 16.44
C ILE B 142 10.92 -10.62 15.50
N MET B 143 10.78 -10.23 14.22
CA MET B 143 11.91 -10.33 13.31
C MET B 143 13.07 -9.52 13.84
N ASP B 144 12.73 -8.36 14.38
CA ASP B 144 13.70 -7.44 14.79
C ASP B 144 14.39 -7.94 16.04
N TYR B 145 13.58 -8.30 17.02
CA TYR B 145 14.07 -8.73 18.28
C TYR B 145 14.95 -9.97 18.17
N TYR B 146 14.65 -10.88 17.25
CA TYR B 146 15.46 -12.07 17.16
C TYR B 146 16.50 -12.03 16.06
N GLY B 147 16.69 -10.86 15.45
CA GLY B 147 17.84 -10.62 14.61
C GLY B 147 17.66 -10.92 13.12
N TYR B 148 16.42 -11.04 12.64
CA TYR B 148 16.21 -11.23 11.21
C TYR B 148 16.03 -9.91 10.50
N HIS B 149 17.13 -9.41 9.91
CA HIS B 149 17.09 -8.14 9.22
C HIS B 149 17.31 -8.33 7.72
N GLU B 150 16.81 -7.40 6.92
CA GLU B 150 16.93 -7.46 5.44
C GLU B 150 16.99 -8.85 4.86
N ASN B 151 15.90 -9.59 4.89
CA ASN B 151 15.87 -10.92 4.29
C ASN B 151 14.84 -10.98 3.16
N THR B 152 14.78 -12.14 2.50
CA THR B 152 13.65 -12.44 1.63
C THR B 152 12.55 -12.89 2.53
N VAL B 153 11.35 -12.38 2.27
CA VAL B 153 10.14 -12.84 2.97
C VAL B 153 9.03 -13.20 2.01
N THR B 154 8.41 -14.35 2.27
CA THR B 154 7.15 -14.76 1.60
C THR B 154 5.98 -14.64 2.58
N ILE B 155 5.00 -13.81 2.21
CA ILE B 155 3.79 -13.62 3.00
C ILE B 155 2.72 -14.44 2.32
N VAL B 156 2.12 -15.39 3.05
CA VAL B 156 0.93 -16.11 2.54
C VAL B 156 -0.35 -15.48 3.13
N ASN B 157 -0.89 -14.49 2.43
CA ASN B 157 -1.97 -13.62 2.97
C ASN B 157 -1.97 -12.28 2.24
N ARG B 158 -3.12 -11.77 1.82
CA ARG B 158 -3.21 -10.48 1.12
C ARG B 158 -4.33 -9.60 1.64
N SER B 159 -4.58 -9.67 2.93
CA SER B 159 -5.59 -8.83 3.48
C SER B 159 -5.05 -7.47 4.03
N PRO B 160 -5.93 -6.45 4.06
CA PRO B 160 -5.43 -5.13 4.47
C PRO B 160 -5.06 -5.16 5.92
N VAL B 161 -5.43 -6.22 6.62
CA VAL B 161 -5.12 -6.20 8.04
C VAL B 161 -3.79 -6.86 8.32
N VAL B 162 -3.29 -7.62 7.32
CA VAL B 162 -2.01 -8.31 7.54
C VAL B 162 -1.04 -8.13 6.36
N GLY B 163 -1.25 -8.88 5.31
CA GLY B 163 -0.29 -8.95 4.23
C GLY B 163 0.01 -7.61 3.62
N ARG B 164 -1.02 -6.82 3.35
CA ARG B 164 -0.80 -5.58 2.61
C ARG B 164 0.08 -4.57 3.43
N PRO B 165 -0.37 -4.13 4.62
CA PRO B 165 0.52 -3.22 5.34
C PRO B 165 1.86 -3.88 5.63
N LEU B 166 1.81 -5.14 5.96
CA LEU B 166 3.06 -5.81 6.27
C LEU B 166 4.06 -5.80 5.07
N SER B 167 3.58 -6.01 3.84
CA SER B 167 4.48 -5.98 2.71
C SER B 167 5.08 -4.61 2.62
N MET B 168 4.29 -3.56 2.85
CA MET B 168 4.84 -2.22 2.75
C MET B 168 5.79 -1.92 3.89
N MET B 169 5.49 -2.35 5.10
CA MET B 169 6.44 -2.13 6.20
C MET B 169 7.80 -2.88 6.02
N LEU B 170 7.74 -4.09 5.47
CA LEU B 170 8.96 -4.85 5.21
C LEU B 170 9.80 -4.21 4.13
N LEU B 171 9.15 -3.66 3.09
CA LEU B 171 9.89 -2.97 2.05
C LEU B 171 10.50 -1.61 2.53
N ASN B 172 9.79 -0.93 3.43
CA ASN B 172 10.32 0.23 4.15
C ASN B 172 11.59 -0.06 4.95
N ARG B 173 11.80 -1.35 5.26
CA ARG B 173 12.95 -1.78 6.07
C ARG B 173 13.88 -2.65 5.22
N ASN B 174 13.75 -2.58 3.90
CA ASN B 174 14.69 -3.22 3.00
C ASN B 174 14.58 -4.71 2.87
N TYR B 175 13.48 -5.28 3.29
CA TYR B 175 13.30 -6.70 2.97
C TYR B 175 12.83 -6.84 1.53
N THR B 176 13.06 -8.04 0.99
CA THR B 176 12.55 -8.39 -0.32
C THR B 176 11.31 -9.22 -0.01
N VAL B 177 10.22 -8.96 -0.74
CA VAL B 177 8.92 -9.37 -0.27
C VAL B 177 8.11 -10.03 -1.41
N SER B 178 7.50 -11.18 -1.13
CA SER B 178 6.63 -11.95 -2.07
C SER B 178 5.29 -12.09 -1.43
N VAL B 179 4.22 -11.83 -2.14
CA VAL B 179 2.92 -11.99 -1.52
C VAL B 179 2.12 -13.00 -2.31
N CYS B 180 1.65 -14.02 -1.64
CA CYS B 180 0.92 -15.01 -2.38
C CYS B 180 -0.36 -15.32 -1.61
N HIS B 181 -1.21 -16.20 -2.14
CA HIS B 181 -2.56 -16.29 -1.57
C HIS B 181 -3.32 -17.39 -2.24
N SER B 182 -4.64 -17.38 -2.05
CA SER B 182 -5.46 -18.50 -2.50
C SER B 182 -5.53 -18.64 -4.06
N LYS B 183 -5.22 -17.58 -4.80
CA LYS B 183 -5.18 -17.66 -6.28
C LYS B 183 -3.77 -17.87 -6.79
N THR B 184 -2.80 -18.04 -5.90
CA THR B 184 -1.46 -18.45 -6.35
C THR B 184 -1.45 -19.93 -6.74
N LYS B 185 -0.97 -20.26 -7.93
CA LYS B 185 -0.81 -21.65 -8.40
C LYS B 185 0.09 -22.55 -7.55
N ASP B 186 1.32 -22.13 -7.25
CA ASP B 186 2.22 -22.97 -6.46
C ASP B 186 2.68 -22.16 -5.27
N ILE B 187 2.00 -22.34 -4.13
CA ILE B 187 2.36 -21.61 -2.95
C ILE B 187 3.68 -22.10 -2.41
N GLY B 188 3.83 -23.42 -2.31
CA GLY B 188 5.02 -23.98 -1.67
C GLY B 188 6.30 -23.58 -2.38
N SER B 189 6.24 -23.50 -3.70
CA SER B 189 7.39 -23.00 -4.46
C SER B 189 7.85 -21.61 -3.99
N MET B 190 6.90 -20.72 -3.68
CA MET B 190 7.24 -19.40 -3.08
C MET B 190 7.67 -19.45 -1.59
N THR B 191 6.92 -20.16 -0.77
CA THR B 191 7.32 -20.26 0.61
C THR B 191 8.69 -20.89 0.80
N ARG B 192 9.07 -21.88 -0.05
CA ARG B 192 10.42 -22.49 0.03
C ARG B 192 11.57 -21.62 -0.41
N SER B 193 11.31 -20.56 -1.18
CA SER B 193 12.46 -19.81 -1.67
C SER B 193 12.83 -18.55 -0.84
N SER B 194 12.16 -18.36 0.28
CA SER B 194 12.44 -17.22 1.15
C SER B 194 13.01 -17.70 2.48
N LYS B 195 13.87 -16.87 3.06
CA LYS B 195 14.33 -17.17 4.40
C LYS B 195 13.21 -17.07 5.44
N ILE B 196 12.30 -16.07 5.32
CA ILE B 196 11.21 -15.89 6.28
C ILE B 196 9.83 -16.22 5.68
N VAL B 197 8.99 -16.97 6.39
CA VAL B 197 7.67 -17.20 5.87
C VAL B 197 6.71 -16.73 6.90
N VAL B 198 5.86 -15.75 6.56
CA VAL B 198 4.73 -15.32 7.38
C VAL B 198 3.38 -15.94 6.88
N VAL B 199 2.68 -16.72 7.72
CA VAL B 199 1.36 -17.33 7.33
C VAL B 199 0.19 -16.80 8.10
N ALA B 200 -0.88 -16.49 7.38
CA ALA B 200 -2.17 -16.09 7.95
C ALA B 200 -3.22 -16.43 6.93
N VAL B 201 -3.53 -17.71 6.85
CA VAL B 201 -4.57 -18.25 5.95
C VAL B 201 -5.70 -18.90 6.72
N GLY B 202 -5.55 -19.08 8.03
CA GLY B 202 -6.62 -19.60 8.89
C GLY B 202 -7.03 -20.99 8.50
N ARG B 203 -6.04 -21.89 8.38
CA ARG B 203 -6.24 -23.29 8.07
C ARG B 203 -5.21 -24.13 8.84
N PRO B 204 -5.67 -24.82 9.90
CA PRO B 204 -4.73 -25.62 10.73
C PRO B 204 -3.89 -26.62 9.88
N GLY B 205 -2.60 -26.76 10.19
CA GLY B 205 -1.69 -27.63 9.42
C GLY B 205 -1.49 -27.27 7.94
N PHE B 206 -1.79 -26.02 7.56
CA PHE B 206 -1.46 -25.51 6.21
C PHE B 206 0.04 -25.59 5.89
N LEU B 207 0.86 -25.08 6.79
CA LEU B 207 2.29 -24.96 6.52
C LEU B 207 2.94 -26.19 7.14
N ASN B 208 3.56 -27.02 6.31
CA ASN B 208 4.25 -28.24 6.74
C ASN B 208 5.56 -28.37 6.03
N ARG B 209 6.29 -29.44 6.36
CA ARG B 209 7.65 -29.70 5.94
C ARG B 209 7.86 -29.47 4.44
N GLU B 210 6.85 -29.76 3.64
CA GLU B 210 6.96 -29.63 2.20
C GLU B 210 7.04 -28.19 1.70
N MET B 211 6.63 -27.25 2.55
CA MET B 211 6.51 -25.86 2.15
C MET B 211 7.59 -24.94 2.72
N VAL B 212 8.47 -25.49 3.55
CA VAL B 212 9.57 -24.75 4.12
C VAL B 212 10.84 -25.58 3.94
N THR B 213 11.97 -24.99 4.27
CA THR B 213 13.25 -25.69 4.35
C THR B 213 13.89 -25.55 5.75
N PRO B 214 15.01 -26.28 6.01
CA PRO B 214 15.72 -26.14 7.30
C PRO B 214 16.18 -24.71 7.62
N GLY B 215 16.48 -23.96 6.57
CA GLY B 215 16.86 -22.57 6.71
C GLY B 215 15.72 -21.65 7.14
N SER B 216 14.48 -22.11 7.12
CA SER B 216 13.34 -21.21 7.20
C SER B 216 13.09 -20.62 8.58
N VAL B 217 12.45 -19.46 8.60
CA VAL B 217 11.94 -18.85 9.82
C VAL B 217 10.42 -18.66 9.63
N VAL B 218 9.62 -19.32 10.46
CA VAL B 218 8.18 -19.33 10.34
C VAL B 218 7.58 -18.34 11.35
N ILE B 219 6.83 -17.38 10.85
CA ILE B 219 6.05 -16.50 11.70
C ILE B 219 4.62 -16.76 11.40
N ASP B 220 3.93 -17.22 12.43
CA ASP B 220 2.63 -17.79 12.26
C ASP B 220 1.57 -16.86 12.83
N VAL B 221 0.84 -16.25 11.94
CA VAL B 221 -0.12 -15.22 12.33
C VAL B 221 -1.53 -15.84 12.35
N GLY B 222 -1.68 -17.08 11.90
CA GLY B 222 -2.99 -17.72 11.93
C GLY B 222 -3.48 -17.88 13.37
N ILE B 223 -4.81 -17.76 13.57
CA ILE B 223 -5.42 -18.06 14.87
C ILE B 223 -6.64 -18.92 14.65
N ASN B 224 -6.50 -20.24 14.78
CA ASN B 224 -7.65 -21.19 14.58
C ASN B 224 -8.09 -21.91 15.86
N TYR B 225 -9.36 -22.33 15.87
CA TYR B 225 -9.97 -23.14 16.93
C TYR B 225 -10.22 -24.64 16.53
N VAL B 226 -9.64 -25.56 17.31
CA VAL B 226 -9.65 -26.99 17.06
C VAL B 226 -9.55 -27.58 18.45
N ASN B 227 -10.43 -28.54 18.79
CA ASN B 227 -10.54 -29.13 20.15
C ASN B 227 -10.65 -28.10 21.26
N ASP B 228 -11.46 -27.07 21.00
CA ASP B 228 -11.58 -25.87 21.84
C ASP B 228 -10.32 -25.00 21.87
N LYS B 229 -9.16 -25.65 22.04
CA LYS B 229 -7.85 -24.95 22.06
C LYS B 229 -7.59 -24.05 20.83
N VAL B 230 -6.45 -23.35 20.85
CA VAL B 230 -6.09 -22.45 19.75
C VAL B 230 -4.81 -22.91 19.10
N VAL B 231 -4.80 -22.86 17.78
CA VAL B 231 -3.67 -23.32 17.01
C VAL B 231 -3.42 -22.37 15.83
N GLY B 232 -2.18 -22.30 15.40
CA GLY B 232 -1.83 -21.52 14.22
C GLY B 232 -2.10 -22.18 12.89
N ASP B 233 -1.46 -21.66 11.85
CA ASP B 233 -1.56 -22.19 10.50
C ASP B 233 -0.50 -23.21 10.24
N ALA B 234 0.52 -23.22 11.09
CA ALA B 234 1.66 -24.08 10.90
C ALA B 234 1.57 -25.39 11.72
N ASN B 235 2.25 -26.40 11.23
CA ASN B 235 2.41 -27.60 11.99
C ASN B 235 3.60 -27.50 12.95
N PHE B 236 3.30 -26.97 14.14
CA PHE B 236 4.33 -26.66 15.10
C PHE B 236 5.15 -27.87 15.50
N GLU B 237 4.50 -29.00 15.76
CA GLU B 237 5.25 -30.17 16.24
C GLU B 237 6.20 -30.55 15.15
N ASP B 238 5.63 -30.73 13.95
CA ASP B 238 6.32 -31.15 12.75
C ASP B 238 7.41 -30.18 12.25
N LEU B 239 7.30 -28.89 12.54
CA LEU B 239 8.30 -27.99 11.95
C LEU B 239 9.47 -27.70 12.87
N SER B 240 9.27 -27.88 14.17
CA SER B 240 10.30 -27.41 15.09
C SER B 240 11.54 -28.26 15.33
N GLU B 241 11.66 -29.43 14.73
CA GLU B 241 12.96 -30.13 14.72
C GLU B 241 13.48 -30.12 13.28
N TYR B 242 13.05 -29.10 12.54
CA TYR B 242 13.30 -29.03 11.09
C TYR B 242 13.68 -27.63 10.66
N VAL B 243 12.85 -26.68 11.06
CA VAL B 243 12.92 -25.33 10.61
C VAL B 243 13.94 -24.65 11.52
N GLU B 244 14.50 -23.51 11.15
CA GLU B 244 15.46 -22.80 12.03
C GLU B 244 14.84 -22.08 13.27
N ALA B 245 13.65 -21.51 13.12
CA ALA B 245 13.00 -20.78 14.22
C ALA B 245 11.54 -20.65 13.85
N ILE B 246 10.67 -20.59 14.85
CA ILE B 246 9.24 -20.60 14.62
C ILE B 246 8.55 -19.99 15.82
N THR B 247 7.47 -19.25 15.57
CA THR B 247 6.63 -18.67 16.62
C THR B 247 5.59 -19.67 17.04
N PRO B 248 5.38 -19.79 18.35
CA PRO B 248 4.30 -20.63 18.79
C PRO B 248 3.00 -19.85 18.67
N VAL B 249 1.90 -20.58 18.70
CA VAL B 249 0.58 -20.02 18.71
C VAL B 249 -0.09 -20.90 19.75
N PRO B 250 -0.63 -20.31 20.83
CA PRO B 250 -0.53 -18.90 21.24
C PRO B 250 0.90 -18.63 21.69
N GLY B 251 1.25 -17.36 21.91
CA GLY B 251 2.56 -17.01 22.51
C GLY B 251 3.58 -16.35 21.60
N GLY B 252 3.30 -16.27 20.29
CA GLY B 252 4.22 -15.60 19.32
C GLY B 252 4.00 -14.09 19.10
N VAL B 253 3.42 -13.73 17.94
CA VAL B 253 2.81 -12.43 17.72
C VAL B 253 1.66 -12.10 18.65
N GLY B 254 0.84 -13.07 19.01
CA GLY B 254 -0.33 -12.76 19.87
C GLY B 254 -0.07 -11.83 21.06
N PRO B 255 0.87 -12.22 21.93
CA PRO B 255 1.12 -11.40 23.10
C PRO B 255 1.48 -9.93 22.82
N ILE B 256 2.00 -9.57 21.65
CA ILE B 256 2.42 -8.16 21.44
C ILE B 256 1.28 -7.24 20.89
N THR B 257 0.17 -7.82 20.42
CA THR B 257 -0.83 -7.06 19.71
C THR B 257 -1.45 -5.92 20.51
N ALA B 258 -1.88 -6.21 21.74
CA ALA B 258 -2.60 -5.21 22.45
C ALA B 258 -1.65 -4.05 22.74
N THR B 259 -0.37 -4.34 22.98
CA THR B 259 0.60 -3.28 23.31
C THR B 259 0.92 -2.37 22.10
N ASN B 260 0.86 -2.94 20.88
CA ASN B 260 1.05 -2.18 19.65
C ASN B 260 -0.06 -1.22 19.40
N ILE B 261 -1.27 -1.57 19.81
CA ILE B 261 -2.32 -0.60 19.74
C ILE B 261 -1.96 0.58 20.68
N LEU B 262 -1.52 0.24 21.91
CA LEU B 262 -1.13 1.26 22.89
C LEU B 262 0.03 2.15 22.36
N GLU B 263 1.02 1.56 21.70
CA GLU B 263 2.04 2.36 21.11
C GLU B 263 1.44 3.37 20.13
N ASN B 264 0.60 2.92 19.19
CA ASN B 264 -0.20 3.87 18.42
C ASN B 264 -0.89 4.97 19.23
N VAL B 265 -1.49 4.66 20.38
CA VAL B 265 -2.18 5.75 21.09
C VAL B 265 -1.20 6.77 21.66
N VAL B 266 -0.05 6.28 22.13
CA VAL B 266 1.01 7.13 22.55
C VAL B 266 1.40 8.03 21.37
N LYS B 267 1.80 7.45 20.22
CA LYS B 267 2.11 8.23 19.04
C LYS B 267 0.99 9.21 18.65
N ALA B 268 -0.27 8.78 18.75
CA ALA B 268 -1.38 9.64 18.47
C ALA B 268 -1.39 10.89 19.35
N ALA B 269 -1.04 10.70 20.63
CA ALA B 269 -1.03 11.77 21.62
C ALA B 269 0.12 12.75 21.35
N GLU B 270 1.35 12.24 21.26
CA GLU B 270 2.49 13.07 20.82
C GLU B 270 2.07 13.91 19.61
N PHE B 271 1.60 13.28 18.54
CA PHE B 271 1.24 14.08 17.35
C PHE B 271 0.28 15.24 17.61
N GLN B 272 -0.76 14.96 18.38
CA GLN B 272 -1.82 15.89 18.72
C GLN B 272 -1.33 17.03 19.59
N LYS B 273 -0.53 16.69 20.59
CA LYS B 273 0.16 17.69 21.39
C LYS B 273 0.75 18.84 20.54
N ASN B 274 1.31 18.52 19.38
CA ASN B 274 2.08 19.46 18.56
C ASN B 274 1.33 20.04 17.35
N ASN B 275 0.30 19.34 16.89
CA ASN B 275 -0.41 19.70 15.66
C ASN B 275 -1.80 20.24 15.91
N LEU B 276 -2.51 19.59 16.83
CA LEU B 276 -3.85 20.00 17.30
C LEU B 276 -4.95 19.50 16.34
#